data_7G8G
#
_entry.id   7G8G
#
_cell.length_a   71.276
_cell.length_b   71.276
_cell.length_c   196.190
_cell.angle_alpha   90.000
_cell.angle_beta   90.000
_cell.angle_gamma   90.000
#
_symmetry.space_group_name_H-M   'P 43 21 2'
#
loop_
_entity.id
_entity.type
_entity.pdbx_description
1 polymer 'Transforming protein RhoA'
2 polymer 'Rho guanine nucleotide exchange factor 2'
3 non-polymer ~{N}-(1~{H}-benzimidazol-2-ylmethyl)-2-methoxy-ethanamide
4 non-polymer 'DIMETHYL SULFOXIDE'
5 non-polymer 'FORMIC ACID'
6 water water
#
loop_
_entity_poly.entity_id
_entity_poly.type
_entity_poly.pdbx_seq_one_letter_code
_entity_poly.pdbx_strand_id
1 'polypeptide(L)'
;SMAAIRKKLVIVGDGACGKTCLLIVFSKDQFPEVYVPTVFENYVADIEVDGKQVELALWDTAGQEDYDRLRPLSYPDTDV
ILMCFSIDSPDSLENIPEKWTPEVKHFCPNVPIILVGNKKDLRNDEHTRRELAKMKQEPVKPEEGRDMANRIGAFGYMEC
SAKTKDGVREVFEMATRAALQARRG
;
A
2 'polypeptide(L)'
;SMEMDEKDFAADSWSLAVDSSFLQQHKKEVMKQQDVIYELIQTELHHVRTLKIMTRLFRTGMLEELHLEPGVVQGLFPCV
DELSDIHTRFLSQLLERRRQALCPGSTRNFVIHRLGDLLISQFSGPSAEQMCKTYSEFCSRHSKALKLYKELYARDKRFQ
QFIRKVTRPAVLKRHGVQECILLVTQRITKYPLLISRILQHSHGIEEERQDLTTALGLVKELLSNVDEGIYQLEKGARLQ
EIYNR
;
B
#
loop_
_chem_comp.id
_chem_comp.type
_chem_comp.name
_chem_comp.formula
DMS non-polymer 'DIMETHYL SULFOXIDE' 'C2 H6 O S'
FMT non-polymer 'FORMIC ACID' 'C H2 O2'
LXA non-polymer ~{N}-(1~{H}-benzimidazol-2-ylmethyl)-2-methoxy-ethanamide 'C11 H13 N3 O2'
#
# COMPACT_ATOMS: atom_id res chain seq x y z
N ALA A 4 14.83 -0.23 -20.42
CA ALA A 4 13.42 0.05 -20.17
C ALA A 4 13.26 1.40 -19.48
N ILE A 5 12.19 2.11 -19.82
CA ILE A 5 11.90 3.38 -19.18
C ILE A 5 10.97 3.11 -17.99
N ARG A 6 11.04 3.95 -16.95
CA ARG A 6 10.21 3.77 -15.76
C ARG A 6 8.94 4.67 -15.79
N LYS A 7 7.77 4.09 -15.63
CA LYS A 7 6.50 4.82 -15.58
C LYS A 7 5.74 4.45 -14.28
N LYS A 8 4.93 5.36 -13.74
CA LYS A 8 4.19 5.11 -12.51
C LYS A 8 2.67 5.13 -12.77
N LEU A 9 1.97 4.10 -12.30
CA LEU A 9 0.52 3.97 -12.46
C LEU A 9 -0.10 4.00 -11.06
N VAL A 10 -1.21 4.73 -10.86
CA VAL A 10 -1.91 4.73 -9.58
C VAL A 10 -3.39 4.46 -9.87
N ILE A 11 -3.99 3.53 -9.14
CA ILE A 11 -5.42 3.24 -9.30
CA ILE A 11 -5.42 3.23 -9.30
C ILE A 11 -6.20 3.95 -8.20
N VAL A 12 -7.23 4.68 -8.62
CA VAL A 12 -8.09 5.44 -7.72
CA VAL A 12 -8.09 5.44 -7.74
C VAL A 12 -9.54 4.95 -7.90
N GLY A 13 -10.42 5.27 -6.94
CA GLY A 13 -11.80 4.84 -6.98
C GLY A 13 -12.31 4.37 -5.62
N ASP A 14 -13.62 4.11 -5.51
CA ASP A 14 -14.20 3.68 -4.24
C ASP A 14 -13.69 2.30 -3.83
N GLY A 15 -13.71 2.00 -2.53
CA GLY A 15 -13.28 0.71 -2.03
C GLY A 15 -14.05 -0.46 -2.64
N ALA A 16 -15.31 -0.25 -3.00
CA ALA A 16 -16.14 -1.30 -3.61
C ALA A 16 -15.83 -1.55 -5.10
N CYS A 17 -14.88 -0.84 -5.69
CA CYS A 17 -14.59 -1.01 -7.10
C CYS A 17 -13.65 -2.19 -7.40
N GLY A 18 -13.06 -2.82 -6.38
CA GLY A 18 -12.17 -3.95 -6.58
C GLY A 18 -10.79 -3.59 -7.13
N LYS A 19 -10.29 -2.37 -6.83
CA LYS A 19 -8.98 -1.95 -7.32
CA LYS A 19 -8.97 -1.95 -7.33
C LYS A 19 -7.80 -2.80 -6.82
N THR A 20 -7.83 -3.26 -5.52
CA THR A 20 -6.76 -4.09 -4.97
C THR A 20 -6.75 -5.45 -5.68
N CYS A 21 -7.93 -6.03 -5.89
CA CYS A 21 -8.06 -7.31 -6.58
C CYS A 21 -7.49 -7.26 -8.00
N LEU A 22 -7.74 -6.17 -8.74
CA LEU A 22 -7.24 -5.98 -10.10
C LEU A 22 -5.67 -5.94 -10.14
N LEU A 23 -5.04 -5.12 -9.25
CA LEU A 23 -3.57 -5.06 -9.10
C LEU A 23 -2.95 -6.42 -8.73
N ILE A 24 -3.57 -7.16 -7.81
CA ILE A 24 -3.09 -8.48 -7.37
C ILE A 24 -3.14 -9.48 -8.54
N VAL A 25 -4.30 -9.61 -9.19
CA VAL A 25 -4.49 -10.55 -10.30
C VAL A 25 -3.55 -10.25 -11.51
N PHE A 26 -3.27 -8.97 -11.79
CA PHE A 26 -2.36 -8.64 -12.88
C PHE A 26 -0.92 -9.02 -12.51
N SER A 27 -0.48 -8.66 -11.29
CA SER A 27 0.89 -8.88 -10.88
C SER A 27 1.28 -10.29 -10.41
N LYS A 28 0.35 -11.04 -9.84
CA LYS A 28 0.64 -12.31 -9.17
C LYS A 28 1.45 -13.38 -9.92
N ASP A 29 1.12 -13.75 -11.19
CA ASP A 29 1.82 -14.90 -11.83
C ASP A 29 1.23 -16.13 -11.14
N GLN A 30 0.21 -16.74 -11.75
CA GLN A 30 -0.58 -17.82 -11.14
C GLN A 30 -1.63 -17.14 -10.24
N PHE A 31 -2.89 -17.26 -10.64
CA PHE A 31 -4.04 -16.64 -9.97
C PHE A 31 -4.13 -17.03 -8.49
N PRO A 32 -4.58 -16.11 -7.58
CA PRO A 32 -4.71 -16.49 -6.16
C PRO A 32 -5.85 -17.50 -5.95
N GLU A 33 -5.55 -18.78 -6.07
CA GLU A 33 -6.53 -19.84 -5.93
C GLU A 33 -6.80 -20.16 -4.47
N VAL A 34 -5.78 -20.13 -3.62
CA VAL A 34 -5.90 -20.47 -2.21
C VAL A 34 -6.29 -19.28 -1.31
N TYR A 35 -5.66 -18.12 -1.47
CA TYR A 35 -5.94 -16.98 -0.59
C TYR A 35 -5.86 -15.69 -1.34
N VAL A 36 -6.91 -14.84 -1.24
CA VAL A 36 -6.87 -13.55 -1.91
C VAL A 36 -6.35 -12.54 -0.88
N PRO A 37 -5.19 -11.94 -1.13
CA PRO A 37 -4.65 -10.95 -0.15
C PRO A 37 -5.59 -9.76 0.10
N THR A 38 -5.60 -9.30 1.33
CA THR A 38 -6.37 -8.14 1.77
C THR A 38 -5.77 -6.87 1.20
N VAL A 39 -4.43 -6.79 1.16
CA VAL A 39 -3.77 -5.58 0.71
C VAL A 39 -2.75 -5.83 -0.41
N PHE A 40 -2.31 -4.75 -1.04
CA PHE A 40 -1.32 -4.73 -2.09
C PHE A 40 -0.27 -3.72 -1.64
N GLU A 41 1.01 -4.08 -1.70
CA GLU A 41 2.08 -3.17 -1.29
C GLU A 41 2.49 -2.29 -2.50
N ASN A 42 3.26 -2.85 -3.44
CA ASN A 42 3.63 -2.23 -4.71
C ASN A 42 4.13 -3.36 -5.64
N TYR A 43 4.47 -3.02 -6.87
CA TYR A 43 4.95 -3.99 -7.84
C TYR A 43 5.53 -3.22 -9.02
N VAL A 44 6.56 -3.76 -9.66
CA VAL A 44 7.14 -3.15 -10.85
C VAL A 44 6.98 -4.16 -11.98
N ALA A 45 6.02 -3.91 -12.88
CA ALA A 45 5.71 -4.82 -13.98
C ALA A 45 6.66 -4.65 -15.16
N ASP A 46 7.12 -5.75 -15.73
CA ASP A 46 7.94 -5.70 -16.94
C ASP A 46 6.96 -5.86 -18.06
N ILE A 47 6.70 -4.79 -18.81
CA ILE A 47 5.72 -4.83 -19.89
CA ILE A 47 5.73 -4.87 -19.90
C ILE A 47 6.34 -4.44 -21.23
N GLU A 48 5.99 -5.14 -22.30
CA GLU A 48 6.46 -4.78 -23.63
C GLU A 48 5.21 -4.48 -24.43
N VAL A 49 4.98 -3.21 -24.78
CA VAL A 49 3.79 -2.84 -25.54
C VAL A 49 4.18 -2.12 -26.84
N ASP A 50 3.69 -2.65 -27.98
CA ASP A 50 3.97 -2.13 -29.32
C ASP A 50 5.49 -2.01 -29.56
N GLY A 51 6.24 -2.99 -29.08
CA GLY A 51 7.70 -3.01 -29.25
C GLY A 51 8.50 -2.14 -28.31
N LYS A 52 7.87 -1.56 -27.27
CA LYS A 52 8.61 -0.71 -26.33
C LYS A 52 8.61 -1.35 -24.98
N GLN A 53 9.79 -1.44 -24.35
CA GLN A 53 9.94 -2.05 -23.04
CA GLN A 53 9.93 -2.06 -23.05
C GLN A 53 9.84 -1.01 -21.94
N VAL A 54 8.91 -1.21 -20.99
CA VAL A 54 8.65 -0.31 -19.88
C VAL A 54 8.59 -1.06 -18.53
N GLU A 55 9.11 -0.45 -17.44
CA GLU A 55 8.97 -0.94 -16.10
C GLU A 55 7.80 -0.10 -15.54
N LEU A 56 6.64 -0.72 -15.32
CA LEU A 56 5.47 0.02 -14.81
C LEU A 56 5.27 -0.23 -13.31
N ALA A 57 5.55 0.79 -12.46
CA ALA A 57 5.34 0.64 -11.03
C ALA A 57 3.85 0.84 -10.75
N LEU A 58 3.27 -0.09 -10.02
CA LEU A 58 1.84 -0.13 -9.71
C LEU A 58 1.61 0.24 -8.26
N TRP A 59 0.62 1.13 -8.02
CA TRP A 59 0.30 1.58 -6.68
C TRP A 59 -1.22 1.63 -6.49
N ASP A 60 -1.64 1.35 -5.27
CA ASP A 60 -3.03 1.32 -4.84
C ASP A 60 -3.28 2.49 -3.85
N THR A 61 -4.51 2.99 -3.82
CA THR A 61 -4.94 4.01 -2.86
C THR A 61 -5.93 3.45 -1.81
N ALA A 62 -6.21 2.14 -1.84
CA ALA A 62 -7.11 1.47 -0.90
C ALA A 62 -6.63 1.69 0.55
N GLY A 63 -7.57 2.09 1.39
CA GLY A 63 -7.32 2.42 2.77
C GLY A 63 -7.13 3.91 2.97
N GLN A 64 -6.90 4.69 1.89
CA GLN A 64 -6.70 6.13 1.97
C GLN A 64 -7.95 6.97 1.68
N GLU A 65 -9.06 6.34 1.29
CA GLU A 65 -10.31 7.03 0.92
C GLU A 65 -10.85 8.05 1.97
N ASP A 66 -10.72 7.80 3.27
CA ASP A 66 -11.22 8.77 4.28
C ASP A 66 -10.16 9.77 4.77
N TYR A 67 -8.93 9.71 4.24
CA TYR A 67 -7.83 10.55 4.72
C TYR A 67 -7.37 11.47 3.64
N ASP A 68 -7.99 12.66 3.59
CA ASP A 68 -7.78 13.65 2.54
C ASP A 68 -6.39 14.26 2.48
N ARG A 69 -5.62 14.22 3.55
CA ARG A 69 -4.26 14.75 3.55
C ARG A 69 -3.17 13.68 3.38
N LEU A 70 -3.51 12.39 3.59
CA LEU A 70 -2.55 11.30 3.38
C LEU A 70 -2.64 10.86 1.92
N ARG A 71 -3.87 10.65 1.41
CA ARG A 71 -4.13 10.17 0.05
C ARG A 71 -3.33 10.87 -1.07
N PRO A 72 -3.23 12.22 -1.12
CA PRO A 72 -2.48 12.85 -2.21
C PRO A 72 -1.00 12.54 -2.25
N LEU A 73 -0.41 12.03 -1.14
CA LEU A 73 1.00 11.61 -1.14
C LEU A 73 1.24 10.41 -2.09
N SER A 74 0.17 9.71 -2.54
CA SER A 74 0.33 8.64 -3.51
C SER A 74 0.51 9.23 -4.94
N TYR A 75 0.12 10.51 -5.20
CA TYR A 75 0.08 11.13 -6.53
C TYR A 75 1.40 11.62 -7.16
N PRO A 76 2.44 12.08 -6.41
CA PRO A 76 3.63 12.63 -7.09
C PRO A 76 4.25 11.79 -8.22
N ASP A 77 4.43 12.44 -9.39
CA ASP A 77 5.05 11.90 -10.60
C ASP A 77 4.32 10.73 -11.26
N THR A 78 3.01 10.60 -11.01
CA THR A 78 2.20 9.57 -11.67
C THR A 78 2.19 9.86 -13.21
N ASP A 79 2.28 8.80 -14.03
CA ASP A 79 2.26 8.89 -15.48
C ASP A 79 0.92 8.49 -16.06
N VAL A 80 0.19 7.58 -15.40
CA VAL A 80 -1.13 7.15 -15.81
C VAL A 80 -2.05 6.85 -14.60
N ILE A 81 -3.30 7.34 -14.66
CA ILE A 81 -4.29 7.08 -13.62
C ILE A 81 -5.32 6.06 -14.10
N LEU A 82 -5.57 5.00 -13.30
CA LEU A 82 -6.68 4.09 -13.59
C LEU A 82 -7.82 4.54 -12.65
N MET A 83 -8.91 5.03 -13.18
CA MET A 83 -10.05 5.48 -12.37
CA MET A 83 -10.07 5.50 -12.43
C MET A 83 -11.05 4.34 -12.40
N CYS A 84 -11.17 3.66 -11.28
CA CYS A 84 -11.95 2.45 -11.16
CA CYS A 84 -11.98 2.46 -11.17
C CYS A 84 -13.35 2.65 -10.56
N PHE A 85 -14.32 1.89 -11.09
CA PHE A 85 -15.70 1.78 -10.62
C PHE A 85 -16.11 0.31 -10.80
N SER A 86 -17.18 -0.09 -10.12
CA SER A 86 -17.68 -1.44 -10.25
C SER A 86 -18.98 -1.45 -11.03
N ILE A 87 -19.09 -2.35 -12.00
CA ILE A 87 -20.28 -2.49 -12.81
C ILE A 87 -21.49 -2.97 -11.96
N ASP A 88 -21.24 -3.64 -10.83
CA ASP A 88 -22.32 -4.05 -9.91
C ASP A 88 -22.75 -2.92 -8.94
N SER A 89 -22.12 -1.75 -9.03
CA SER A 89 -22.38 -0.63 -8.13
C SER A 89 -22.55 0.70 -8.90
N PRO A 90 -23.76 1.03 -9.39
CA PRO A 90 -23.93 2.33 -10.06
C PRO A 90 -23.54 3.53 -9.16
N ASP A 91 -23.62 3.37 -7.82
CA ASP A 91 -23.20 4.38 -6.85
C ASP A 91 -21.68 4.70 -6.99
N SER A 92 -20.81 3.68 -7.22
CA SER A 92 -19.39 3.92 -7.43
C SER A 92 -19.13 4.69 -8.77
N LEU A 93 -20.00 4.52 -9.79
CA LEU A 93 -19.85 5.27 -11.04
C LEU A 93 -20.23 6.73 -10.83
N GLU A 94 -21.28 6.97 -10.07
CA GLU A 94 -21.75 8.30 -9.73
C GLU A 94 -20.70 9.10 -8.90
N ASN A 95 -19.84 8.42 -8.08
CA ASN A 95 -18.80 9.12 -7.34
C ASN A 95 -17.60 9.58 -8.20
N ILE A 96 -17.49 9.09 -9.43
CA ILE A 96 -16.40 9.46 -10.33
C ILE A 96 -16.34 10.96 -10.74
N PRO A 97 -17.41 11.59 -11.30
CA PRO A 97 -17.26 12.95 -11.86
C PRO A 97 -17.01 14.13 -10.90
N GLU A 98 -17.56 14.12 -9.69
CA GLU A 98 -17.36 15.25 -8.77
C GLU A 98 -16.63 14.91 -7.48
N LYS A 99 -16.22 13.65 -7.27
CA LYS A 99 -15.40 13.31 -6.13
C LYS A 99 -13.97 12.96 -6.57
N TRP A 100 -13.79 11.88 -7.32
CA TRP A 100 -12.48 11.45 -7.78
C TRP A 100 -11.82 12.28 -8.90
N THR A 101 -12.61 12.64 -9.94
CA THR A 101 -12.08 13.40 -11.09
C THR A 101 -11.50 14.80 -10.72
N PRO A 102 -12.22 15.69 -9.98
CA PRO A 102 -11.59 16.98 -9.61
C PRO A 102 -10.31 16.82 -8.76
N GLU A 103 -10.21 15.75 -7.95
CA GLU A 103 -9.01 15.52 -7.15
C GLU A 103 -7.82 15.10 -8.04
N VAL A 104 -8.08 14.17 -8.96
CA VAL A 104 -7.06 13.67 -9.86
C VAL A 104 -6.57 14.77 -10.82
N LYS A 105 -7.47 15.67 -11.28
CA LYS A 105 -7.05 16.76 -12.15
C LYS A 105 -6.29 17.86 -11.41
N HIS A 106 -6.52 18.03 -10.10
CA HIS A 106 -5.79 19.02 -9.30
C HIS A 106 -4.36 18.54 -9.02
N PHE A 107 -4.19 17.29 -8.52
CA PHE A 107 -2.89 16.75 -8.16
C PHE A 107 -2.09 16.16 -9.33
N CYS A 108 -2.80 15.78 -10.42
CA CYS A 108 -2.19 15.18 -11.62
C CYS A 108 -2.64 15.90 -12.91
N PRO A 109 -2.37 17.22 -13.07
CA PRO A 109 -2.80 17.90 -14.29
C PRO A 109 -2.09 17.31 -15.51
N ASN A 110 -2.83 17.12 -16.58
CA ASN A 110 -2.30 16.60 -17.84
C ASN A 110 -1.89 15.11 -17.79
N VAL A 111 -2.30 14.36 -16.75
CA VAL A 111 -2.01 12.94 -16.68
C VAL A 111 -3.18 12.19 -17.31
N PRO A 112 -2.95 11.30 -18.27
CA PRO A 112 -4.08 10.53 -18.83
C PRO A 112 -4.81 9.67 -17.80
N ILE A 113 -6.15 9.70 -17.86
CA ILE A 113 -7.02 8.92 -16.99
C ILE A 113 -7.68 7.86 -17.86
N ILE A 114 -7.65 6.61 -17.43
CA ILE A 114 -8.37 5.53 -18.11
C ILE A 114 -9.50 5.16 -17.17
N LEU A 115 -10.76 5.32 -17.60
CA LEU A 115 -11.89 4.94 -16.74
C LEU A 115 -12.06 3.43 -16.96
N VAL A 116 -11.99 2.65 -15.89
CA VAL A 116 -12.09 1.21 -15.94
C VAL A 116 -13.33 0.71 -15.20
N GLY A 117 -14.17 -0.05 -15.89
CA GLY A 117 -15.32 -0.67 -15.27
C GLY A 117 -14.96 -2.08 -14.88
N ASN A 118 -14.81 -2.34 -13.57
CA ASN A 118 -14.44 -3.64 -13.04
CA ASN A 118 -14.44 -3.66 -13.11
C ASN A 118 -15.67 -4.52 -12.78
N LYS A 119 -15.46 -5.85 -12.55
CA LYS A 119 -16.49 -6.82 -12.22
C LYS A 119 -17.53 -6.97 -13.33
N LYS A 120 -17.10 -6.85 -14.59
CA LYS A 120 -18.01 -6.95 -15.75
C LYS A 120 -18.75 -8.28 -15.82
N ASP A 121 -18.23 -9.32 -15.16
CA ASP A 121 -18.85 -10.65 -15.06
C ASP A 121 -20.20 -10.57 -14.28
N LEU A 122 -20.35 -9.59 -13.37
CA LEU A 122 -21.58 -9.42 -12.59
C LEU A 122 -22.74 -8.74 -13.36
N ARG A 123 -22.49 -8.22 -14.55
CA ARG A 123 -23.51 -7.60 -15.41
C ARG A 123 -24.62 -8.63 -15.75
N ASN A 124 -24.26 -9.92 -15.86
CA ASN A 124 -25.24 -10.96 -16.13
C ASN A 124 -25.31 -11.98 -14.98
N ASP A 125 -25.20 -11.49 -13.74
CA ASP A 125 -25.30 -12.30 -12.54
C ASP A 125 -26.69 -12.06 -11.91
N GLU A 126 -27.49 -13.13 -11.71
CA GLU A 126 -28.84 -12.99 -11.21
C GLU A 126 -28.91 -12.52 -9.76
N HIS A 127 -27.94 -12.90 -8.92
CA HIS A 127 -27.95 -12.40 -7.53
C HIS A 127 -27.69 -10.88 -7.53
N THR A 128 -26.76 -10.42 -8.39
CA THR A 128 -26.44 -9.00 -8.53
C THR A 128 -27.66 -8.24 -9.06
N ARG A 129 -28.32 -8.76 -10.11
CA ARG A 129 -29.51 -8.12 -10.65
C ARG A 129 -30.65 -8.02 -9.62
N ARG A 130 -30.89 -9.10 -8.83
CA ARG A 130 -31.92 -9.09 -7.79
C ARG A 130 -31.62 -8.06 -6.69
N GLU A 131 -30.41 -8.08 -6.12
CA GLU A 131 -30.04 -7.12 -5.07
C GLU A 131 -30.17 -5.66 -5.52
N LEU A 132 -29.70 -5.34 -6.73
CA LEU A 132 -29.76 -3.98 -7.26
C LEU A 132 -31.19 -3.53 -7.53
N ALA A 133 -32.05 -4.44 -8.04
CA ALA A 133 -33.45 -4.14 -8.32
C ALA A 133 -34.22 -3.72 -7.06
N LYS A 134 -33.78 -4.17 -5.86
CA LYS A 134 -34.41 -3.75 -4.61
C LYS A 134 -34.19 -2.26 -4.30
N MET A 135 -33.15 -1.63 -4.90
CA MET A 135 -32.89 -0.19 -4.72
C MET A 135 -33.16 0.62 -5.99
N LYS A 136 -34.06 0.12 -6.86
CA LYS A 136 -34.44 0.74 -8.15
C LYS A 136 -33.22 0.96 -9.03
N GLN A 137 -32.28 -0.01 -9.02
CA GLN A 137 -31.05 0.09 -9.80
C GLN A 137 -30.80 -1.16 -10.67
N GLU A 138 -29.83 -1.05 -11.58
CA GLU A 138 -29.42 -2.16 -12.42
C GLU A 138 -27.91 -2.08 -12.70
N PRO A 139 -27.24 -3.18 -13.10
CA PRO A 139 -25.79 -3.10 -13.39
C PRO A 139 -25.46 -2.00 -14.41
N VAL A 140 -24.30 -1.37 -14.29
CA VAL A 140 -23.87 -0.30 -15.20
C VAL A 140 -23.83 -0.82 -16.63
N LYS A 141 -24.51 -0.13 -17.54
CA LYS A 141 -24.57 -0.49 -18.96
C LYS A 141 -23.29 0.00 -19.68
N PRO A 142 -22.85 -0.69 -20.74
CA PRO A 142 -21.63 -0.24 -21.45
C PRO A 142 -21.66 1.23 -21.89
N GLU A 143 -22.82 1.72 -22.39
CA GLU A 143 -22.96 3.12 -22.84
C GLU A 143 -22.86 4.10 -21.69
N GLU A 144 -23.32 3.71 -20.50
CA GLU A 144 -23.21 4.57 -19.32
C GLU A 144 -21.74 4.74 -18.91
N GLY A 145 -20.97 3.68 -19.00
CA GLY A 145 -19.54 3.74 -18.70
C GLY A 145 -18.82 4.63 -19.72
N ARG A 146 -19.10 4.39 -21.03
CA ARG A 146 -18.51 5.16 -22.12
C ARG A 146 -18.86 6.67 -22.03
N ASP A 147 -20.14 7.00 -21.75
CA ASP A 147 -20.58 8.38 -21.60
C ASP A 147 -19.88 9.08 -20.44
N MET A 148 -19.72 8.40 -19.30
CA MET A 148 -19.01 8.97 -18.15
C MET A 148 -17.52 9.22 -18.51
N ALA A 149 -16.87 8.26 -19.16
CA ALA A 149 -15.47 8.44 -19.59
C ALA A 149 -15.33 9.68 -20.53
N ASN A 150 -16.28 9.84 -21.46
CA ASN A 150 -16.35 10.98 -22.38
C ASN A 150 -16.51 12.31 -21.61
N ARG A 151 -17.52 12.36 -20.72
CA ARG A 151 -17.83 13.50 -19.85
C ARG A 151 -16.62 13.99 -19.00
N ILE A 152 -15.88 13.08 -18.36
CA ILE A 152 -14.75 13.46 -17.50
C ILE A 152 -13.44 13.74 -18.26
N GLY A 153 -13.43 13.59 -19.57
CA GLY A 153 -12.22 13.81 -20.37
C GLY A 153 -11.23 12.67 -20.26
N ALA A 154 -11.72 11.43 -20.13
CA ALA A 154 -10.82 10.28 -20.03
C ALA A 154 -10.18 10.00 -21.37
N PHE A 155 -8.92 9.53 -21.32
CA PHE A 155 -8.11 9.06 -22.45
C PHE A 155 -8.87 7.94 -23.18
N GLY A 156 -9.58 7.10 -22.42
CA GLY A 156 -10.39 6.01 -22.92
C GLY A 156 -11.18 5.27 -21.85
N TYR A 157 -11.98 4.30 -22.29
CA TYR A 157 -12.84 3.52 -21.45
C TYR A 157 -12.61 2.06 -21.72
N MET A 158 -12.41 1.29 -20.66
CA MET A 158 -12.16 -0.13 -20.72
C MET A 158 -12.90 -0.89 -19.64
N GLU A 159 -13.16 -2.17 -19.88
CA GLU A 159 -13.84 -3.04 -18.93
C GLU A 159 -13.00 -4.30 -18.69
N CYS A 160 -13.14 -4.87 -17.51
CA CYS A 160 -12.43 -6.09 -17.15
C CYS A 160 -13.14 -6.83 -16.04
N SER A 161 -12.66 -8.04 -15.77
CA SER A 161 -13.10 -8.89 -14.68
C SER A 161 -11.86 -9.45 -13.99
N ALA A 162 -11.55 -8.99 -12.77
CA ALA A 162 -10.42 -9.53 -12.01
C ALA A 162 -10.67 -11.03 -11.65
N LYS A 163 -11.93 -11.40 -11.41
CA LYS A 163 -12.31 -12.77 -11.10
C LYS A 163 -11.96 -13.78 -12.21
N THR A 164 -12.31 -13.46 -13.47
CA THR A 164 -12.00 -14.39 -14.57
C THR A 164 -10.73 -14.05 -15.34
N LYS A 165 -10.09 -12.89 -15.04
CA LYS A 165 -8.90 -12.36 -15.71
C LYS A 165 -9.20 -11.70 -17.08
N ASP A 166 -10.46 -11.79 -17.56
CA ASP A 166 -10.80 -11.21 -18.87
C ASP A 166 -10.64 -9.70 -18.93
N GLY A 167 -9.83 -9.25 -19.88
CA GLY A 167 -9.61 -7.83 -20.12
C GLY A 167 -8.57 -7.18 -19.23
N VAL A 168 -8.05 -7.92 -18.24
CA VAL A 168 -7.06 -7.40 -17.31
C VAL A 168 -5.76 -7.02 -18.01
N ARG A 169 -5.13 -7.94 -18.75
CA ARG A 169 -3.88 -7.64 -19.45
C ARG A 169 -3.98 -6.41 -20.38
N GLU A 170 -5.09 -6.32 -21.15
CA GLU A 170 -5.35 -5.23 -22.09
C GLU A 170 -5.38 -3.85 -21.40
N VAL A 171 -5.95 -3.77 -20.19
CA VAL A 171 -6.00 -2.52 -19.41
C VAL A 171 -4.60 -2.01 -19.11
N PHE A 172 -3.70 -2.89 -18.63
CA PHE A 172 -2.33 -2.52 -18.25
C PHE A 172 -1.44 -2.23 -19.45
N GLU A 173 -1.60 -2.96 -20.55
CA GLU A 173 -0.85 -2.63 -21.77
C GLU A 173 -1.30 -1.26 -22.31
N MET A 174 -2.60 -0.95 -22.28
CA MET A 174 -3.11 0.34 -22.74
C MET A 174 -2.63 1.46 -21.80
N ALA A 175 -2.62 1.20 -20.49
CA ALA A 175 -2.12 2.16 -19.50
C ALA A 175 -0.64 2.47 -19.75
N THR A 176 0.13 1.49 -20.24
CA THR A 176 1.54 1.70 -20.55
C THR A 176 1.66 2.60 -21.78
N ARG A 177 0.84 2.34 -22.81
CA ARG A 177 0.81 3.19 -24.01
C ARG A 177 0.42 4.64 -23.63
N ALA A 178 -0.61 4.81 -22.79
CA ALA A 178 -1.02 6.13 -22.31
C ALA A 178 0.12 6.86 -21.56
N ALA A 179 0.83 6.15 -20.68
CA ALA A 179 1.96 6.72 -19.95
C ALA A 179 3.12 7.11 -20.88
N LEU A 180 3.26 6.44 -22.02
CA LEU A 180 4.33 6.75 -22.99
C LEU A 180 4.05 8.02 -23.84
N GLN A 181 2.77 8.40 -24.04
CA GLN A 181 2.39 9.57 -24.85
C GLN A 181 2.78 10.93 -24.27
N ALA A 182 3.19 11.87 -25.17
CA ALA A 182 3.64 13.24 -24.85
C ALA A 182 2.68 14.06 -23.97
N SER B 1 15.78 -8.58 6.24
CA SER B 1 15.15 -9.67 6.97
CA SER B 1 15.16 -9.66 6.99
C SER B 1 16.15 -10.78 7.30
N MET B 2 15.82 -11.62 8.27
CA MET B 2 16.67 -12.73 8.65
C MET B 2 16.03 -14.00 8.10
N GLU B 3 16.87 -14.91 7.59
CA GLU B 3 16.45 -16.15 6.93
C GLU B 3 15.36 -16.93 7.67
N MET B 4 15.47 -16.99 9.00
CA MET B 4 14.51 -17.70 9.84
CA MET B 4 14.51 -17.72 9.83
C MET B 4 13.10 -17.19 9.61
N ASP B 5 12.90 -15.87 9.72
CA ASP B 5 11.60 -15.23 9.53
C ASP B 5 11.16 -15.28 8.06
N GLU B 6 12.10 -15.17 7.10
CA GLU B 6 11.77 -15.25 5.68
C GLU B 6 11.16 -16.61 5.34
N LYS B 7 11.79 -17.70 5.80
CA LYS B 7 11.27 -19.03 5.49
C LYS B 7 9.94 -19.26 6.19
N ASP B 8 9.78 -18.76 7.43
CA ASP B 8 8.52 -18.91 8.15
C ASP B 8 7.37 -18.21 7.41
N PHE B 9 7.65 -17.12 6.66
CA PHE B 9 6.66 -16.36 5.92
C PHE B 9 6.83 -16.44 4.41
N ALA B 10 7.42 -17.53 3.91
CA ALA B 10 7.66 -17.71 2.48
C ALA B 10 6.40 -18.10 1.70
N ALA B 11 5.52 -18.93 2.29
CA ALA B 11 4.29 -19.36 1.64
C ALA B 11 3.29 -18.20 1.44
N ASP B 12 2.39 -18.34 0.44
CA ASP B 12 1.38 -17.33 0.14
C ASP B 12 0.32 -17.20 1.25
N SER B 13 0.18 -18.19 2.13
CA SER B 13 -0.81 -18.14 3.22
C SER B 13 -0.43 -19.07 4.39
N TRP B 14 -1.13 -18.94 5.52
CA TRP B 14 -0.95 -19.79 6.69
C TRP B 14 -1.35 -21.23 6.32
N SER B 15 -2.43 -21.38 5.50
CA SER B 15 -2.93 -22.68 5.07
CA SER B 15 -2.94 -22.66 5.01
C SER B 15 -1.90 -23.45 4.23
N LEU B 16 -0.99 -22.73 3.55
CA LEU B 16 0.10 -23.32 2.78
C LEU B 16 1.40 -23.41 3.63
N ALA B 17 1.55 -22.61 4.71
CA ALA B 17 2.75 -22.64 5.55
C ALA B 17 2.74 -23.83 6.54
N VAL B 18 1.61 -24.10 7.19
CA VAL B 18 1.53 -25.21 8.15
C VAL B 18 1.57 -26.57 7.42
N ASP B 19 1.80 -27.68 8.15
CA ASP B 19 1.77 -29.04 7.63
C ASP B 19 0.31 -29.36 7.27
N SER B 20 0.07 -30.13 6.19
CA SER B 20 -1.32 -30.42 5.80
C SER B 20 -2.06 -31.29 6.83
N SER B 21 -1.34 -32.13 7.58
CA SER B 21 -1.98 -32.93 8.64
C SER B 21 -2.41 -32.04 9.83
N PHE B 22 -1.75 -30.90 10.04
CA PHE B 22 -2.09 -29.94 11.07
C PHE B 22 -3.27 -29.08 10.58
N LEU B 23 -3.23 -28.65 9.31
CA LEU B 23 -4.33 -27.87 8.70
C LEU B 23 -5.67 -28.64 8.77
N GLN B 24 -5.64 -29.95 8.39
CA GLN B 24 -6.79 -30.84 8.40
C GLN B 24 -7.49 -30.93 9.75
N GLN B 25 -6.80 -30.62 10.85
CA GLN B 25 -7.39 -30.69 12.18
C GLN B 25 -8.19 -29.46 12.57
N HIS B 26 -8.15 -28.36 11.77
CA HIS B 26 -8.84 -27.13 12.14
C HIS B 26 -10.09 -26.81 11.34
N LYS B 27 -11.04 -26.10 11.98
CA LYS B 27 -12.26 -25.66 11.32
C LYS B 27 -11.95 -24.57 10.30
N LYS B 28 -12.75 -24.50 9.23
CA LYS B 28 -12.62 -23.54 8.14
C LYS B 28 -12.51 -22.11 8.64
N GLU B 29 -13.31 -21.75 9.66
CA GLU B 29 -13.30 -20.42 10.23
C GLU B 29 -11.96 -20.07 10.89
N VAL B 30 -11.31 -21.05 11.51
CA VAL B 30 -10.00 -20.86 12.14
C VAL B 30 -8.94 -20.64 11.06
N MET B 31 -9.00 -21.41 9.97
CA MET B 31 -8.09 -21.30 8.85
C MET B 31 -8.19 -19.91 8.21
N LYS B 32 -9.44 -19.39 8.04
CA LYS B 32 -9.66 -18.08 7.43
C LYS B 32 -9.08 -16.99 8.32
N GLN B 33 -9.35 -17.05 9.62
CA GLN B 33 -8.80 -16.11 10.60
C GLN B 33 -7.23 -16.16 10.57
N GLN B 34 -6.67 -17.37 10.54
CA GLN B 34 -5.22 -17.54 10.55
C GLN B 34 -4.54 -17.04 9.29
N ASP B 35 -5.19 -17.18 8.13
CA ASP B 35 -4.65 -16.68 6.88
C ASP B 35 -4.53 -15.13 6.91
N VAL B 36 -5.56 -14.45 7.46
CA VAL B 36 -5.51 -12.99 7.53
C VAL B 36 -4.48 -12.52 8.57
N ILE B 37 -4.38 -13.20 9.72
CA ILE B 37 -3.37 -12.85 10.73
C ILE B 37 -1.96 -13.02 10.17
N TYR B 38 -1.75 -14.10 9.41
CA TYR B 38 -0.46 -14.39 8.76
C TYR B 38 -0.09 -13.24 7.78
N GLU B 39 -1.09 -12.72 7.04
CA GLU B 39 -0.86 -11.62 6.09
C GLU B 39 -0.40 -10.35 6.82
N LEU B 40 -1.03 -10.03 7.97
CA LEU B 40 -0.62 -8.88 8.77
C LEU B 40 0.87 -9.04 9.21
N ILE B 41 1.25 -10.23 9.71
CA ILE B 41 2.63 -10.44 10.15
C ILE B 41 3.59 -10.40 8.98
N GLN B 42 3.31 -11.14 7.91
CA GLN B 42 4.11 -11.16 6.69
C GLN B 42 4.34 -9.74 6.11
N THR B 43 3.30 -8.89 6.06
CA THR B 43 3.45 -7.52 5.55
C THR B 43 4.20 -6.63 6.57
N GLU B 44 4.11 -6.95 7.89
CA GLU B 44 4.86 -6.20 8.90
C GLU B 44 6.35 -6.50 8.76
N LEU B 45 6.70 -7.78 8.53
CA LEU B 45 8.07 -8.25 8.25
C LEU B 45 8.65 -7.48 7.04
N HIS B 46 7.86 -7.36 5.95
CA HIS B 46 8.26 -6.66 4.71
C HIS B 46 8.42 -5.16 4.97
N HIS B 47 7.55 -4.57 5.79
CA HIS B 47 7.62 -3.15 6.12
C HIS B 47 8.91 -2.81 6.92
N VAL B 48 9.25 -3.64 7.91
CA VAL B 48 10.48 -3.51 8.72
C VAL B 48 11.71 -3.65 7.79
N ARG B 49 11.64 -4.60 6.89
CA ARG B 49 12.66 -4.79 5.87
C ARG B 49 12.84 -3.53 4.99
N THR B 50 11.74 -2.86 4.58
CA THR B 50 11.79 -1.61 3.78
C THR B 50 12.55 -0.53 4.57
N LEU B 51 12.25 -0.38 5.88
CA LEU B 51 12.93 0.56 6.78
C LEU B 51 14.44 0.21 6.96
N LYS B 52 14.82 -1.06 6.86
CA LYS B 52 16.22 -1.47 6.96
C LYS B 52 16.97 -1.14 5.66
N ILE B 53 16.31 -1.23 4.51
CA ILE B 53 16.88 -0.82 3.23
C ILE B 53 17.16 0.70 3.32
N MET B 54 16.20 1.47 3.85
CA MET B 54 16.37 2.93 3.99
C MET B 54 17.51 3.30 4.92
N THR B 55 17.58 2.71 6.13
CA THR B 55 18.66 3.04 7.09
C THR B 55 20.04 2.45 6.74
N ARG B 56 20.10 1.14 6.44
CA ARG B 56 21.38 0.48 6.19
C ARG B 56 21.91 0.61 4.78
N LEU B 57 21.05 0.38 3.77
CA LEU B 57 21.51 0.45 2.40
C LEU B 57 21.65 1.90 1.91
N PHE B 58 20.57 2.68 1.95
CA PHE B 58 20.60 4.04 1.45
C PHE B 58 21.28 5.05 2.37
N ARG B 59 20.70 5.35 3.55
CA ARG B 59 21.22 6.34 4.49
C ARG B 59 22.70 6.15 4.87
N THR B 60 23.05 4.98 5.41
CA THR B 60 24.40 4.69 5.85
C THR B 60 25.38 4.68 4.69
N GLY B 61 24.98 4.10 3.56
CA GLY B 61 25.82 4.05 2.37
C GLY B 61 26.16 5.42 1.84
N MET B 62 25.20 6.37 1.94
CA MET B 62 25.43 7.76 1.54
C MET B 62 26.40 8.41 2.52
N LEU B 63 26.21 8.22 3.84
CA LEU B 63 27.11 8.78 4.84
C LEU B 63 28.53 8.25 4.74
N GLU B 64 28.68 6.98 4.36
CA GLU B 64 29.99 6.36 4.27
C GLU B 64 30.73 6.47 2.92
N GLU B 65 30.00 6.69 1.81
N GLU B 65 30.04 6.22 1.81
CA GLU B 65 30.64 6.83 0.48
CA GLU B 65 30.68 6.18 0.50
C GLU B 65 30.55 8.23 -0.16
C GLU B 65 30.66 7.51 -0.24
N LEU B 66 29.51 9.01 0.17
N LEU B 66 29.69 8.38 0.07
CA LEU B 66 29.32 10.32 -0.46
CA LEU B 66 29.62 9.69 -0.55
C LEU B 66 29.72 11.53 0.38
C LEU B 66 30.08 10.80 0.40
N HIS B 67 29.96 12.66 -0.29
N HIS B 67 30.10 10.54 1.72
CA HIS B 67 30.29 13.93 0.34
CA HIS B 67 30.47 11.50 2.77
C HIS B 67 29.08 14.82 0.15
C HIS B 67 29.59 12.75 2.69
N LEU B 68 28.09 14.71 1.03
N LEU B 68 28.30 12.56 2.36
CA LEU B 68 26.88 15.53 0.92
CA LEU B 68 27.31 13.63 2.23
C LEU B 68 26.84 16.59 2.01
C LEU B 68 27.03 14.29 3.58
N GLU B 69 26.22 17.74 1.72
N GLU B 69 26.65 15.57 3.54
CA GLU B 69 26.07 18.83 2.70
CA GLU B 69 26.33 16.34 4.74
C GLU B 69 25.37 18.34 3.96
C GLU B 69 25.12 15.73 5.43
N PRO B 70 25.80 18.76 5.16
N PRO B 70 25.21 15.43 6.74
CA PRO B 70 25.14 18.26 6.39
CA PRO B 70 24.10 14.78 7.44
C PRO B 70 23.65 18.59 6.44
C PRO B 70 22.75 15.52 7.37
N GLY B 71 22.84 17.59 6.78
N GLY B 71 22.77 16.80 7.04
CA GLY B 71 21.39 17.74 6.81
CA GLY B 71 21.55 17.57 6.89
C GLY B 71 20.68 17.28 5.55
C GLY B 71 20.80 17.23 5.61
N VAL B 72 21.44 16.92 4.50
N VAL B 72 21.55 16.84 4.56
CA VAL B 72 20.86 16.45 3.25
CA VAL B 72 20.97 16.46 3.28
C VAL B 72 20.35 15.02 3.42
C VAL B 72 20.40 15.05 3.40
N VAL B 73 21.18 14.12 3.98
CA VAL B 73 20.76 12.73 4.21
C VAL B 73 19.53 12.66 5.13
N GLN B 74 19.45 13.53 6.15
CA GLN B 74 18.30 13.58 7.05
CA GLN B 74 18.31 13.60 7.05
C GLN B 74 17.05 14.00 6.28
N GLY B 75 17.19 14.98 5.38
CA GLY B 75 16.08 15.46 4.56
C GLY B 75 15.52 14.38 3.64
N LEU B 76 16.40 13.49 3.13
CA LEU B 76 16.02 12.38 2.26
C LEU B 76 15.31 11.26 3.01
N PHE B 77 15.73 10.96 4.24
CA PHE B 77 15.16 9.86 5.04
C PHE B 77 14.68 10.37 6.40
N PRO B 78 13.66 11.24 6.44
CA PRO B 78 13.24 11.79 7.75
C PRO B 78 12.69 10.71 8.68
N CYS B 79 12.98 10.79 10.01
CA CYS B 79 12.46 9.90 11.08
C CYS B 79 12.68 8.40 10.87
N VAL B 80 13.57 7.98 9.95
CA VAL B 80 13.77 6.56 9.64
CA VAL B 80 13.73 6.58 9.63
C VAL B 80 14.21 5.73 10.85
N ASP B 81 15.01 6.30 11.77
CA ASP B 81 15.44 5.56 12.97
C ASP B 81 14.28 5.35 13.94
N GLU B 82 13.48 6.39 14.17
CA GLU B 82 12.32 6.31 15.07
CA GLU B 82 12.34 6.28 15.08
C GLU B 82 11.30 5.30 14.53
N LEU B 83 11.06 5.30 13.20
CA LEU B 83 10.11 4.41 12.52
C LEU B 83 10.59 2.97 12.62
N SER B 84 11.89 2.74 12.33
CA SER B 84 12.48 1.39 12.41
C SER B 84 12.35 0.84 13.83
N ASP B 85 12.57 1.69 14.86
CA ASP B 85 12.39 1.29 16.26
C ASP B 85 10.95 0.86 16.59
N ILE B 86 9.95 1.68 16.26
CA ILE B 86 8.54 1.39 16.52
C ILE B 86 8.12 0.06 15.85
N HIS B 87 8.47 -0.11 14.55
CA HIS B 87 8.01 -1.26 13.80
C HIS B 87 8.82 -2.52 14.11
N THR B 88 10.13 -2.41 14.42
CA THR B 88 10.92 -3.59 14.80
C THR B 88 10.43 -4.16 16.15
N ARG B 89 10.06 -3.27 17.08
CA ARG B 89 9.49 -3.70 18.34
C ARG B 89 8.13 -4.39 18.10
N PHE B 90 7.25 -3.80 17.25
CA PHE B 90 5.93 -4.34 16.97
C PHE B 90 6.06 -5.71 16.31
N LEU B 91 7.01 -5.85 15.36
CA LEU B 91 7.29 -7.12 14.67
C LEU B 91 7.82 -8.17 15.67
N SER B 92 8.67 -7.76 16.64
CA SER B 92 9.20 -8.67 17.64
CA SER B 92 9.20 -8.68 17.63
C SER B 92 8.06 -9.29 18.45
N GLN B 93 7.07 -8.47 18.84
CA GLN B 93 5.91 -8.94 19.61
C GLN B 93 5.02 -9.88 18.79
N LEU B 94 4.80 -9.59 17.49
CA LEU B 94 3.99 -10.43 16.61
C LEU B 94 4.68 -11.78 16.43
N LEU B 95 6.00 -11.77 16.17
CA LEU B 95 6.75 -13.00 15.98
C LEU B 95 6.86 -13.81 17.27
N GLU B 96 6.98 -13.15 18.43
CA GLU B 96 7.05 -13.87 19.71
C GLU B 96 5.73 -14.56 20.01
N ARG B 97 4.60 -13.90 19.67
CA ARG B 97 3.25 -14.43 19.85
C ARG B 97 3.07 -15.73 18.99
N ARG B 98 3.55 -15.72 17.73
CA ARG B 98 3.53 -16.89 16.86
C ARG B 98 4.41 -18.02 17.46
N ARG B 99 5.66 -17.66 17.89
CA ARG B 99 6.61 -18.61 18.46
CA ARG B 99 6.62 -18.60 18.46
C ARG B 99 6.06 -19.31 19.70
N GLN B 100 5.45 -18.56 20.63
CA GLN B 100 4.86 -19.15 21.83
C GLN B 100 3.74 -20.12 21.45
N ALA B 101 3.01 -19.86 20.34
CA ALA B 101 1.89 -20.71 19.90
C ALA B 101 2.30 -21.96 19.12
N LEU B 102 3.60 -22.14 18.82
CA LEU B 102 4.03 -23.33 18.07
C LEU B 102 3.82 -24.63 18.87
N CYS B 103 3.43 -25.70 18.18
CA CYS B 103 3.31 -27.02 18.77
C CYS B 103 4.72 -27.48 19.16
N PRO B 104 4.92 -28.19 20.29
CA PRO B 104 6.25 -28.80 20.53
C PRO B 104 6.60 -29.75 19.37
N GLY B 105 7.87 -29.72 18.97
CA GLY B 105 8.36 -30.53 17.86
C GLY B 105 8.12 -29.89 16.50
N SER B 106 7.62 -28.62 16.47
CA SER B 106 7.36 -27.96 15.22
C SER B 106 7.88 -26.55 15.17
N THR B 107 8.37 -26.13 14.01
CA THR B 107 8.74 -24.74 13.78
C THR B 107 7.78 -24.04 12.82
N ARG B 108 6.67 -24.70 12.41
CA ARG B 108 5.70 -24.08 11.51
C ARG B 108 4.22 -24.21 11.89
N ASN B 109 3.86 -25.20 12.71
CA ASN B 109 2.47 -25.43 13.09
C ASN B 109 2.06 -24.64 14.32
N PHE B 110 1.17 -23.65 14.14
CA PHE B 110 0.71 -22.78 15.24
C PHE B 110 -0.68 -22.21 14.91
N VAL B 111 -1.37 -21.68 15.93
CA VAL B 111 -2.63 -21.00 15.81
C VAL B 111 -2.55 -19.82 16.79
N ILE B 112 -2.79 -18.59 16.31
CA ILE B 112 -2.83 -17.43 17.16
C ILE B 112 -4.29 -17.12 17.48
N HIS B 113 -4.68 -17.36 18.73
CA HIS B 113 -6.06 -17.10 19.20
C HIS B 113 -6.27 -15.72 19.78
N ARG B 114 -5.21 -15.03 20.27
N ARG B 114 -5.21 -15.12 20.29
CA ARG B 114 -5.41 -13.75 21.00
CA ARG B 114 -5.29 -13.83 20.92
C ARG B 114 -4.65 -12.51 20.45
C ARG B 114 -4.34 -12.91 20.19
N LEU B 115 -4.88 -12.14 19.21
N LEU B 115 -4.90 -12.00 19.39
CA LEU B 115 -4.20 -10.98 18.61
CA LEU B 115 -4.17 -10.96 18.65
C LEU B 115 -4.66 -9.59 19.13
C LEU B 115 -4.65 -9.58 19.13
N GLY B 116 -5.95 -9.45 19.42
CA GLY B 116 -6.55 -8.20 19.87
C GLY B 116 -5.80 -7.43 20.94
N ASP B 117 -5.41 -8.13 22.03
CA ASP B 117 -4.68 -7.55 23.16
CA ASP B 117 -4.69 -7.54 23.15
C ASP B 117 -3.37 -6.89 22.73
N LEU B 118 -2.63 -7.54 21.84
CA LEU B 118 -1.36 -7.04 21.33
C LEU B 118 -1.64 -5.77 20.45
N LEU B 119 -2.69 -5.80 19.62
CA LEU B 119 -3.04 -4.64 18.80
C LEU B 119 -3.52 -3.43 19.66
N ILE B 120 -4.27 -3.67 20.77
CA ILE B 120 -4.70 -2.58 21.65
C ILE B 120 -3.47 -1.94 22.31
N SER B 121 -2.48 -2.76 22.72
CA SER B 121 -1.26 -2.23 23.34
CA SER B 121 -1.26 -2.26 23.34
C SER B 121 -0.45 -1.41 22.35
N GLN B 122 -0.30 -1.89 21.11
CA GLN B 122 0.46 -1.14 20.10
C GLN B 122 -0.21 0.21 19.76
N PHE B 123 -1.54 0.22 19.65
CA PHE B 123 -2.25 1.41 19.23
C PHE B 123 -2.89 2.20 20.37
N SER B 124 -2.29 2.15 21.55
CA SER B 124 -2.74 2.94 22.70
C SER B 124 -1.53 3.35 23.58
N GLY B 125 -1.73 4.30 24.48
CA GLY B 125 -0.69 4.79 25.39
C GLY B 125 0.52 5.39 24.69
N PRO B 126 1.66 5.41 25.39
CA PRO B 126 2.90 5.97 24.81
C PRO B 126 3.22 5.50 23.40
N SER B 127 3.11 4.20 23.10
CA SER B 127 3.41 3.71 21.74
C SER B 127 2.53 4.36 20.64
N ALA B 128 1.25 4.64 20.94
CA ALA B 128 0.36 5.31 19.99
C ALA B 128 0.80 6.75 19.80
N GLU B 129 1.20 7.44 20.91
CA GLU B 129 1.67 8.83 20.86
C GLU B 129 2.90 8.92 19.97
N GLN B 130 3.83 7.97 20.13
CA GLN B 130 5.05 7.99 19.33
CA GLN B 130 5.06 7.93 19.35
C GLN B 130 4.77 7.72 17.85
N MET B 131 3.82 6.82 17.50
CA MET B 131 3.47 6.58 16.10
C MET B 131 2.81 7.83 15.50
N CYS B 132 1.87 8.46 16.26
CA CYS B 132 1.19 9.68 15.82
C CYS B 132 2.18 10.81 15.48
N LYS B 133 3.08 11.10 16.41
CA LYS B 133 4.09 12.13 16.29
C LYS B 133 5.09 11.82 15.15
N THR B 134 5.54 10.56 15.04
CA THR B 134 6.51 10.17 14.01
C THR B 134 5.90 10.19 12.60
N TYR B 135 4.68 9.69 12.41
CA TYR B 135 4.04 9.71 11.09
C TYR B 135 3.57 11.10 10.68
N SER B 136 3.18 11.97 11.63
CA SER B 136 2.80 13.35 11.33
C SER B 136 4.05 14.08 10.78
N GLU B 137 5.22 13.83 11.39
CA GLU B 137 6.49 14.42 10.99
CA GLU B 137 6.46 14.44 10.94
C GLU B 137 6.90 13.82 9.61
N PHE B 138 6.90 12.45 9.49
CA PHE B 138 7.28 11.77 8.24
C PHE B 138 6.45 12.20 7.01
N CYS B 139 5.13 12.13 7.12
CA CYS B 139 4.24 12.44 6.02
C CYS B 139 4.24 13.93 5.67
N SER B 140 4.60 14.82 6.62
CA SER B 140 4.74 16.26 6.31
C SER B 140 6.05 16.53 5.54
N ARG B 141 7.06 15.65 5.70
CA ARG B 141 8.36 15.78 5.05
C ARG B 141 8.53 14.94 3.81
N HIS B 142 7.48 14.23 3.39
CA HIS B 142 7.45 13.28 2.28
C HIS B 142 7.73 13.94 0.93
N SER B 143 7.01 15.00 0.55
CA SER B 143 7.22 15.66 -0.73
CA SER B 143 7.22 15.68 -0.73
C SER B 143 8.62 16.27 -0.85
N LYS B 144 9.12 16.86 0.26
CA LYS B 144 10.43 17.45 0.33
C LYS B 144 11.51 16.39 0.09
N ALA B 145 11.34 15.19 0.67
CA ALA B 145 12.29 14.11 0.48
C ALA B 145 12.39 13.72 -1.01
N LEU B 146 11.25 13.58 -1.72
CA LEU B 146 11.20 13.21 -3.15
C LEU B 146 11.83 14.29 -4.03
N LYS B 147 11.52 15.57 -3.77
CA LYS B 147 12.11 16.67 -4.53
C LYS B 147 13.62 16.73 -4.31
N LEU B 148 14.07 16.52 -3.05
CA LEU B 148 15.48 16.53 -2.73
C LEU B 148 16.18 15.36 -3.46
N TYR B 149 15.54 14.18 -3.48
CA TYR B 149 16.07 13.01 -4.19
C TYR B 149 16.24 13.33 -5.70
N LYS B 150 15.17 13.86 -6.34
CA LYS B 150 15.19 14.20 -7.75
C LYS B 150 16.28 15.21 -8.09
N GLU B 151 16.51 16.22 -7.23
CA GLU B 151 17.56 17.21 -7.47
CA GLU B 151 17.57 17.22 -7.47
C GLU B 151 18.95 16.57 -7.48
N LEU B 152 19.27 15.79 -6.43
CA LEU B 152 20.56 15.11 -6.29
C LEU B 152 20.86 14.11 -7.41
N TYR B 153 19.83 13.38 -7.86
CA TYR B 153 20.02 12.40 -8.92
C TYR B 153 20.36 13.12 -10.24
N ALA B 154 19.69 14.24 -10.51
CA ALA B 154 19.92 15.00 -11.72
C ALA B 154 21.17 15.86 -11.74
N ARG B 155 21.62 16.37 -10.59
CA ARG B 155 22.76 17.29 -10.57
CA ARG B 155 22.74 17.30 -10.49
C ARG B 155 24.06 16.69 -10.01
N ASP B 156 24.00 15.56 -9.27
CA ASP B 156 25.21 14.94 -8.71
C ASP B 156 25.57 13.58 -9.36
N LYS B 157 26.74 13.50 -10.00
CA LYS B 157 27.24 12.29 -10.67
C LYS B 157 27.54 11.15 -9.69
N ARG B 158 28.23 11.43 -8.57
CA ARG B 158 28.55 10.42 -7.58
C ARG B 158 27.30 9.89 -6.87
N PHE B 159 26.27 10.73 -6.70
CA PHE B 159 25.00 10.32 -6.10
C PHE B 159 24.26 9.43 -7.10
N GLN B 160 24.25 9.83 -8.39
CA GLN B 160 23.60 9.04 -9.43
C GLN B 160 24.27 7.65 -9.55
N GLN B 161 25.62 7.58 -9.49
CA GLN B 161 26.34 6.30 -9.57
C GLN B 161 26.11 5.45 -8.32
N PHE B 162 25.98 6.09 -7.16
CA PHE B 162 25.67 5.37 -5.92
C PHE B 162 24.29 4.69 -6.04
N ILE B 163 23.26 5.44 -6.45
CA ILE B 163 21.90 4.89 -6.58
C ILE B 163 21.86 3.69 -7.53
N ARG B 164 22.41 3.86 -8.75
CA ARG B 164 22.44 2.82 -9.76
C ARG B 164 23.15 1.56 -9.25
N LYS B 165 24.24 1.75 -8.53
CA LYS B 165 25.00 0.66 -7.97
C LYS B 165 24.19 -0.12 -6.88
N VAL B 166 23.76 0.56 -5.80
CA VAL B 166 23.06 -0.12 -4.70
C VAL B 166 21.63 -0.61 -5.05
N THR B 167 21.01 -0.06 -6.12
CA THR B 167 19.68 -0.53 -6.52
C THR B 167 19.73 -1.48 -7.73
N ARG B 168 20.92 -1.85 -8.22
CA ARG B 168 21.04 -2.78 -9.35
C ARG B 168 20.52 -4.22 -9.09
N PRO B 169 20.73 -4.82 -7.89
CA PRO B 169 20.24 -6.19 -7.67
C PRO B 169 18.73 -6.32 -7.84
N ALA B 170 18.28 -7.46 -8.40
CA ALA B 170 16.88 -7.72 -8.66
C ALA B 170 15.99 -7.70 -7.41
N VAL B 171 16.51 -8.09 -6.22
CA VAL B 171 15.70 -8.05 -4.99
C VAL B 171 15.32 -6.64 -4.59
N LEU B 172 15.95 -5.58 -5.19
CA LEU B 172 15.67 -4.17 -4.96
C LEU B 172 14.77 -3.54 -6.07
N LYS B 173 14.23 -4.34 -7.00
CA LYS B 173 13.42 -3.85 -8.12
C LYS B 173 12.31 -2.85 -7.74
N ARG B 174 11.56 -3.14 -6.66
CA ARG B 174 10.48 -2.25 -6.22
C ARG B 174 10.85 -1.48 -4.95
N HIS B 175 12.16 -1.30 -4.68
CA HIS B 175 12.59 -0.64 -3.48
C HIS B 175 13.61 0.48 -3.71
N GLY B 176 13.33 1.38 -4.65
CA GLY B 176 14.15 2.57 -4.82
C GLY B 176 13.86 3.56 -3.71
N VAL B 177 14.55 4.69 -3.69
CA VAL B 177 14.36 5.72 -2.66
C VAL B 177 12.91 6.24 -2.59
N GLN B 178 12.32 6.62 -3.72
CA GLN B 178 10.95 7.15 -3.75
C GLN B 178 9.92 6.06 -3.41
N GLU B 179 10.17 4.83 -3.86
CA GLU B 179 9.30 3.69 -3.59
C GLU B 179 9.27 3.39 -2.10
N CYS B 180 10.43 3.43 -1.43
CA CYS B 180 10.52 3.15 0.03
C CYS B 180 9.71 4.21 0.80
N ILE B 181 9.82 5.51 0.38
CA ILE B 181 9.10 6.60 1.03
C ILE B 181 7.56 6.43 0.91
N LEU B 182 7.06 6.10 -0.29
CA LEU B 182 5.62 5.88 -0.44
C LEU B 182 5.18 4.57 0.23
N LEU B 183 6.01 3.51 0.21
CA LEU B 183 5.71 2.26 0.93
C LEU B 183 5.51 2.53 2.41
N VAL B 184 6.34 3.43 3.02
CA VAL B 184 6.22 3.73 4.44
C VAL B 184 4.94 4.53 4.74
N THR B 185 4.66 5.58 3.96
CA THR B 185 3.47 6.42 4.08
C THR B 185 2.19 5.59 3.96
N GLN B 186 2.14 4.70 2.96
CA GLN B 186 0.96 3.86 2.76
C GLN B 186 0.72 2.79 3.84
N ARG B 187 1.77 2.38 4.59
CA ARG B 187 1.67 1.34 5.62
C ARG B 187 0.60 1.54 6.67
N ILE B 188 0.55 2.71 7.31
CA ILE B 188 -0.43 2.94 8.37
C ILE B 188 -1.88 2.80 7.91
N THR B 189 -2.19 3.10 6.63
CA THR B 189 -3.57 2.98 6.14
C THR B 189 -3.93 1.53 5.77
N LYS B 190 -2.97 0.60 5.77
CA LYS B 190 -3.26 -0.82 5.52
C LYS B 190 -3.81 -1.47 6.81
N TYR B 191 -3.44 -0.97 8.00
CA TYR B 191 -3.84 -1.55 9.29
C TYR B 191 -5.36 -1.73 9.47
N PRO B 192 -6.23 -0.72 9.17
CA PRO B 192 -7.67 -0.94 9.36
C PRO B 192 -8.24 -2.00 8.43
N LEU B 193 -7.70 -2.17 7.22
CA LEU B 193 -8.17 -3.17 6.29
CA LEU B 193 -8.18 -3.19 6.29
C LEU B 193 -7.88 -4.58 6.82
N LEU B 194 -6.64 -4.82 7.27
CA LEU B 194 -6.23 -6.11 7.80
C LEU B 194 -6.99 -6.46 9.08
N ILE B 195 -7.05 -5.49 10.03
CA ILE B 195 -7.73 -5.71 11.30
C ILE B 195 -9.23 -5.97 11.11
N SER B 196 -9.93 -5.25 10.20
CA SER B 196 -11.37 -5.45 9.98
CA SER B 196 -11.37 -5.47 10.01
CA SER B 196 -11.37 -5.45 9.98
C SER B 196 -11.64 -6.86 9.44
N ARG B 197 -10.76 -7.35 8.56
CA ARG B 197 -10.93 -8.68 7.98
C ARG B 197 -10.61 -9.78 9.02
N ILE B 198 -9.66 -9.52 9.96
CA ILE B 198 -9.37 -10.46 11.05
C ILE B 198 -10.64 -10.51 11.96
N LEU B 199 -11.24 -9.33 12.24
CA LEU B 199 -12.44 -9.22 13.05
C LEU B 199 -13.59 -10.03 12.43
N GLN B 200 -13.73 -9.98 11.12
CA GLN B 200 -14.74 -10.71 10.38
C GLN B 200 -14.73 -12.24 10.70
N HIS B 201 -13.53 -12.80 10.94
CA HIS B 201 -13.36 -14.22 11.24
C HIS B 201 -13.02 -14.49 12.71
N SER B 202 -13.37 -13.57 13.61
CA SER B 202 -13.03 -13.73 15.03
C SER B 202 -14.24 -13.59 15.96
N HIS B 203 -15.43 -14.03 15.52
CA HIS B 203 -16.62 -13.96 16.36
C HIS B 203 -16.79 -15.15 17.32
N GLY B 204 -16.04 -16.23 17.11
CA GLY B 204 -16.10 -17.44 17.93
C GLY B 204 -15.86 -17.19 19.40
N ILE B 205 -14.87 -16.35 19.76
CA ILE B 205 -14.62 -16.00 21.16
CA ILE B 205 -14.62 -16.01 21.16
C ILE B 205 -15.03 -14.56 21.33
N GLU B 206 -16.04 -14.29 22.17
CA GLU B 206 -16.55 -12.93 22.35
C GLU B 206 -15.50 -11.93 22.89
N GLU B 207 -14.60 -12.35 23.81
CA GLU B 207 -13.54 -11.45 24.29
C GLU B 207 -12.63 -11.01 23.10
N GLU B 208 -12.36 -11.93 22.16
CA GLU B 208 -11.51 -11.61 21.02
C GLU B 208 -12.18 -10.65 20.05
N ARG B 209 -13.48 -10.83 19.79
CA ARG B 209 -14.21 -9.93 18.90
C ARG B 209 -14.24 -8.50 19.49
N GLN B 210 -14.39 -8.40 20.82
CA GLN B 210 -14.39 -7.12 21.49
C GLN B 210 -13.00 -6.46 21.44
N ASP B 211 -11.93 -7.23 21.71
CA ASP B 211 -10.56 -6.67 21.64
C ASP B 211 -10.19 -6.14 20.23
N LEU B 212 -10.58 -6.89 19.19
CA LEU B 212 -10.33 -6.51 17.80
C LEU B 212 -11.17 -5.28 17.41
N THR B 213 -12.41 -5.17 17.93
CA THR B 213 -13.25 -4.01 17.69
C THR B 213 -12.61 -2.77 18.34
N THR B 214 -12.08 -2.92 19.58
CA THR B 214 -11.40 -1.80 20.24
C THR B 214 -10.14 -1.40 19.47
N ALA B 215 -9.34 -2.39 19.04
CA ALA B 215 -8.11 -2.11 18.29
C ALA B 215 -8.40 -1.37 16.99
N LEU B 216 -9.50 -1.75 16.29
CA LEU B 216 -9.92 -1.10 15.05
C LEU B 216 -10.22 0.39 15.27
N GLY B 217 -10.99 0.71 16.31
CA GLY B 217 -11.30 2.09 16.69
C GLY B 217 -10.06 2.87 17.07
N LEU B 218 -9.07 2.22 17.75
CA LEU B 218 -7.82 2.88 18.12
C LEU B 218 -6.96 3.22 16.87
N VAL B 219 -6.85 2.29 15.90
CA VAL B 219 -6.09 2.52 14.68
C VAL B 219 -6.70 3.69 13.87
N LYS B 220 -8.04 3.70 13.77
CA LYS B 220 -8.78 4.73 13.08
C LYS B 220 -8.58 6.10 13.72
N GLU B 221 -8.53 6.15 15.07
CA GLU B 221 -8.30 7.41 15.79
CA GLU B 221 -8.28 7.40 15.80
C GLU B 221 -6.88 7.91 15.49
N LEU B 222 -5.89 7.00 15.46
CA LEU B 222 -4.51 7.34 15.17
C LEU B 222 -4.40 7.93 13.75
N LEU B 223 -5.02 7.27 12.76
CA LEU B 223 -5.01 7.70 11.36
C LEU B 223 -5.64 9.07 11.18
N SER B 224 -6.77 9.31 11.84
CA SER B 224 -7.45 10.59 11.76
CA SER B 224 -7.46 10.58 11.79
C SER B 224 -6.56 11.69 12.36
N ASN B 225 -5.82 11.37 13.45
CA ASN B 225 -4.91 12.30 14.11
C ASN B 225 -3.71 12.61 13.21
N VAL B 226 -3.09 11.57 12.59
CA VAL B 226 -1.96 11.76 11.69
C VAL B 226 -2.39 12.63 10.49
N ASP B 227 -3.58 12.34 9.93
CA ASP B 227 -4.12 13.06 8.80
C ASP B 227 -4.32 14.56 9.12
N GLU B 228 -4.82 14.85 10.31
CA GLU B 228 -5.06 16.21 10.74
C GLU B 228 -3.79 17.00 11.07
N GLY B 229 -2.68 16.32 11.34
CA GLY B 229 -1.43 16.97 11.68
C GLY B 229 -0.48 17.13 10.52
N ILE B 230 -0.91 16.74 9.31
CA ILE B 230 -0.06 16.86 8.12
C ILE B 230 -0.15 18.25 7.48
N TYR B 231 1.02 18.81 7.16
CA TYR B 231 1.16 20.03 6.39
C TYR B 231 2.47 19.89 5.60
N GLN B 232 2.38 19.72 4.26
CA GLN B 232 3.57 19.51 3.42
C GLN B 232 4.60 20.65 3.53
N LEU B 233 5.82 20.28 3.86
CA LEU B 233 6.92 21.22 3.91
C LEU B 233 7.48 21.40 2.49
N GLU B 234 7.91 22.61 2.17
CA GLU B 234 8.53 22.89 0.88
C GLU B 234 9.88 23.54 1.13
N LYS B 235 10.95 23.01 0.53
CA LYS B 235 12.29 23.57 0.72
C LYS B 235 12.34 25.01 0.19
N GLY B 236 12.75 25.95 1.02
CA GLY B 236 12.80 27.36 0.62
C GLY B 236 11.46 28.06 0.62
N ALA B 237 10.49 27.52 1.39
CA ALA B 237 9.17 28.16 1.47
C ALA B 237 9.28 29.45 2.28
N ARG B 238 8.58 30.49 1.83
CA ARG B 238 8.61 31.77 2.52
C ARG B 238 7.50 31.80 3.57
N LEU B 239 7.74 32.54 4.66
CA LEU B 239 6.76 32.69 5.75
CA LEU B 239 6.77 32.66 5.73
C LEU B 239 5.40 33.16 5.23
N GLN B 240 5.39 34.18 4.33
CA GLN B 240 4.17 34.73 3.74
C GLN B 240 3.33 33.62 3.08
N GLU B 241 3.99 32.67 2.37
CA GLU B 241 3.30 31.53 1.75
C GLU B 241 2.70 30.60 2.81
N ILE B 242 3.38 30.45 3.94
CA ILE B 242 2.90 29.60 5.04
C ILE B 242 1.72 30.21 5.78
N TYR B 243 1.79 31.49 6.22
CA TYR B 243 0.68 32.08 6.98
C TYR B 243 -0.50 32.53 6.09
N ASN B 244 -0.44 32.33 4.77
CA ASN B 244 -1.58 32.59 3.91
C ASN B 244 -2.15 31.24 3.41
N ARG B 245 -2.10 30.18 4.26
CA ARG B 245 -2.59 28.85 3.88
C ARG B 245 -4.13 28.83 3.82
N1 LXA C . -10.14 -19.24 2.17
C4 LXA C . -8.93 -19.65 2.57
C5 LXA C . -10.40 -18.03 2.77
C6 LXA C . -11.50 -17.13 2.71
C7 LXA C . -11.47 -15.94 3.42
C8 LXA C . -10.34 -15.64 4.22
C10 LXA C . -9.30 -17.72 3.54
N LXA C . -8.68 -21.46 0.88
C LXA C . -8.78 -23.44 -2.84
O LXA C . -8.90 -22.72 -1.64
C1 LXA C . -9.59 -23.40 -0.62
C2 LXA C . -9.14 -22.84 0.73
C3 LXA C . -8.26 -20.98 2.18
C9 LXA C . -9.25 -16.49 4.25
N2 LXA C . -8.40 -18.73 3.38
O1 LXA C . -9.17 -23.54 1.68
N1 LXA D . -11.44 -9.65 -2.05
C4 LXA D . -10.83 -10.35 -1.09
C5 LXA D . -12.34 -10.47 -2.66
C6 LXA D . -13.26 -10.28 -3.71
C7 LXA D . -14.08 -11.33 -4.12
C8 LXA D . -13.99 -12.58 -3.49
C10 LXA D . -12.25 -11.70 -2.05
N LXA D . -9.76 -8.42 0.01
C LXA D . -9.71 -5.45 1.63
O LXA D . -10.21 -5.80 0.38
C1 LXA D . -9.27 -5.99 -0.63
C2 LXA D . -9.18 -7.47 -0.95
C3 LXA D . -9.71 -9.85 -0.19
C9 LXA D . -13.08 -12.77 -2.46
N2 LXA D . -11.30 -11.59 -1.08
O1 LXA D . -8.67 -7.83 -1.96
S DMS E . -15.59 -0.73 -24.06
O DMS E . -16.67 0.25 -24.45
C1 DMS E . -14.97 -1.46 -25.58
C2 DMS E . -16.39 -2.16 -23.29
C FMT F . -18.05 7.27 -27.69
O1 FMT F . -17.02 7.00 -28.33
O2 FMT F . -18.53 6.52 -26.66
C FMT G . 8.14 -6.86 -9.16
O1 FMT G . 8.18 -5.84 -8.50
O2 FMT G . 8.56 -8.09 -8.71
C FMT H . -13.00 10.97 -2.15
O1 FMT H . -13.84 11.01 -3.04
O2 FMT H . -12.56 9.81 -1.57
C FMT I . -0.33 20.56 -6.35
O1 FMT I . -0.99 20.82 -5.36
O2 FMT I . -0.74 20.78 -7.62
C FMT J . 1.34 15.79 -3.36
O1 FMT J . 0.63 15.80 -4.37
O2 FMT J . 0.84 15.88 -2.10
S DMS K . 1.46 -25.33 22.23
O DMS K . 1.79 -23.87 22.40
C1 DMS K . 0.17 -25.45 20.97
C2 DMS K . 0.43 -25.76 23.68
S DMS L . -12.69 -17.48 15.54
O DMS L . -14.11 -17.27 15.18
C1 DMS L . -12.02 -18.66 14.36
C2 DMS L . -12.64 -18.56 16.99
S DMS M . 24.94 14.09 -14.16
O DMS M . 25.07 13.14 -13.01
C1 DMS M . 26.30 13.77 -15.33
C2 DMS M . 25.51 15.73 -13.64
S DMS N . -10.19 -27.02 6.76
O DMS N . -9.71 -28.38 7.17
C1 DMS N . -12.00 -27.09 6.84
C2 DMS N . -10.09 -26.94 4.96
C FMT O . -8.76 -18.59 23.17
O1 FMT O . -8.22 -17.91 24.02
O2 FMT O . -9.37 -18.07 22.08
C FMT P . -2.11 -16.78 21.33
O1 FMT P . -2.39 -15.67 20.89
O2 FMT P . -2.92 -17.86 21.22
C FMT Q . -12.74 -0.28 7.92
O1 FMT Q . -13.36 -0.77 8.88
O2 FMT Q . -11.69 -0.88 7.31
C FMT R . 10.39 12.02 15.63
O1 FMT R . 9.36 12.63 15.92
O2 FMT R . 11.23 12.37 14.61
C FMT S . -7.74 1.21 26.04
O1 FMT S . -8.74 0.62 25.66
O2 FMT S . -7.29 2.38 25.52
C FMT T . 10.87 23.39 6.11
O1 FMT T . 11.86 22.72 5.87
O2 FMT T . 10.47 24.46 5.36
C FMT U . -10.51 -21.68 22.00
O1 FMT U . -11.41 -21.84 21.20
O2 FMT U . -9.20 -21.58 21.66
#